data_6EUP
#
_entry.id   6EUP
#
_cell.length_a   68.919
_cell.length_b   39.750
_cell.length_c   255.630
_cell.angle_alpha   90.00
_cell.angle_beta   95.13
_cell.angle_gamma   90.00
#
_symmetry.space_group_name_H-M   'C 1 2 1'
#
loop_
_entity.id
_entity.type
_entity.pdbx_description
1 polymer 'Adhesin A'
2 non-polymer 'CHLORIDE ION'
3 non-polymer 1,2-ETHANEDIOL
4 non-polymer (4S)-2-METHYL-2,4-PENTANEDIOL
5 non-polymer 'HEXAETHYLENE GLYCOL'
6 non-polymer 'PHOSPHATE ION'
7 water water
#
_entity_poly.entity_id   1
_entity_poly.type   'polypeptide(L)'
_entity_poly.pdbx_seq_one_letter_code
;ATNDDDVKKIATVALAAAYNNGQEINGFKAGETIYDIDEDGTITKKDATAADVEADDFKGLGLKKVVTNLTKTVNENKQN
VDAKVKAAESEIEKLTTKLADTDAALADTDAALDATTNALNKLGENITTFAEETKTNIVKIDEKLEAASKHHHHHH
;
_entity_poly.pdbx_strand_id   A,B,C
#
loop_
_chem_comp.id
_chem_comp.type
_chem_comp.name
_chem_comp.formula
CL non-polymer 'CHLORIDE ION' 'Cl -1'
EDO non-polymer 1,2-ETHANEDIOL 'C2 H6 O2'
MPD non-polymer (4S)-2-METHYL-2,4-PENTANEDIOL 'C6 H14 O2'
P6G non-polymer 'HEXAETHYLENE GLYCOL' 'C12 H26 O7'
PO4 non-polymer 'PHOSPHATE ION' 'O4 P -3'
#
# COMPACT_ATOMS: atom_id res chain seq x y z
N ASP A 5 -38.95 -56.48 -5.15
CA ASP A 5 -38.00 -56.89 -4.11
C ASP A 5 -37.43 -55.67 -3.35
N ASP A 6 -36.85 -55.96 -2.16
CA ASP A 6 -36.20 -54.96 -1.31
C ASP A 6 -34.88 -54.53 -1.94
N VAL A 7 -34.20 -55.47 -2.66
CA VAL A 7 -32.94 -55.20 -3.38
C VAL A 7 -33.19 -54.29 -4.59
N LYS A 8 -34.41 -54.36 -5.19
CA LYS A 8 -34.82 -53.50 -6.30
C LYS A 8 -34.84 -52.07 -5.78
N LYS A 9 -35.48 -51.85 -4.62
CA LYS A 9 -35.60 -50.57 -3.95
C LYS A 9 -34.23 -49.98 -3.59
N ILE A 10 -33.37 -50.75 -2.89
CA ILE A 10 -32.01 -50.33 -2.49
C ILE A 10 -31.18 -49.90 -3.71
N ALA A 11 -31.22 -50.68 -4.82
CA ALA A 11 -30.50 -50.38 -6.07
C ALA A 11 -31.02 -49.10 -6.74
N THR A 12 -32.36 -48.89 -6.77
CA THR A 12 -32.96 -47.70 -7.38
C THR A 12 -32.66 -46.41 -6.59
N VAL A 13 -32.65 -46.49 -5.23
CA VAL A 13 -32.31 -45.36 -4.37
C VAL A 13 -30.83 -45.03 -4.56
N ALA A 14 -29.93 -46.05 -4.57
CA ALA A 14 -28.48 -45.90 -4.75
C ALA A 14 -28.16 -45.21 -6.06
N LEU A 15 -28.81 -45.63 -7.17
CA LEU A 15 -28.58 -45.02 -8.48
C LEU A 15 -28.98 -43.54 -8.49
N ALA A 16 -30.19 -43.23 -8.01
CA ALA A 16 -30.73 -41.87 -7.89
C ALA A 16 -29.86 -41.01 -6.97
N ALA A 17 -29.39 -41.58 -5.83
CA ALA A 17 -28.50 -40.87 -4.88
C ALA A 17 -27.16 -40.55 -5.55
N ALA A 18 -26.58 -41.55 -6.28
CA ALA A 18 -25.31 -41.42 -7.01
C ALA A 18 -25.45 -40.39 -8.10
N TYR A 19 -26.61 -40.39 -8.78
CA TYR A 19 -26.95 -39.45 -9.84
C TYR A 19 -26.93 -38.03 -9.30
N ASN A 20 -27.70 -37.74 -8.21
CA ASN A 20 -27.76 -36.42 -7.59
C ASN A 20 -26.41 -35.95 -7.12
N ASN A 21 -25.64 -36.84 -6.46
CA ASN A 21 -24.30 -36.47 -6.00
C ASN A 21 -23.43 -35.99 -7.18
N GLY A 22 -23.56 -36.69 -8.32
CA GLY A 22 -22.88 -36.35 -9.56
C GLY A 22 -23.24 -34.97 -10.05
N GLN A 23 -24.51 -34.57 -9.92
CA GLN A 23 -25.01 -33.26 -10.30
C GLN A 23 -24.50 -32.20 -9.34
N GLU A 24 -24.24 -32.58 -8.08
CA GLU A 24 -23.70 -31.62 -7.13
C GLU A 24 -22.23 -31.33 -7.46
N ILE A 25 -21.52 -32.35 -7.97
CA ILE A 25 -20.12 -32.24 -8.38
C ILE A 25 -20.00 -31.55 -9.74
N ASN A 26 -20.74 -32.06 -10.76
CA ASN A 26 -20.65 -31.61 -12.13
C ASN A 26 -21.73 -30.60 -12.62
N GLY A 27 -22.67 -30.21 -11.75
CA GLY A 27 -23.69 -29.22 -12.10
C GLY A 27 -24.90 -29.74 -12.85
N PHE A 28 -25.94 -28.88 -12.94
CA PHE A 28 -27.20 -29.15 -13.63
C PHE A 28 -27.77 -27.87 -14.26
N LYS A 29 -28.59 -28.00 -15.33
CA LYS A 29 -29.22 -26.86 -16.02
C LYS A 29 -30.76 -26.99 -16.02
N ALA A 30 -31.46 -25.89 -16.40
CA ALA A 30 -32.93 -25.89 -16.46
C ALA A 30 -33.40 -26.88 -17.56
N GLY A 31 -34.25 -27.82 -17.17
CA GLY A 31 -34.76 -28.87 -18.05
C GLY A 31 -34.17 -30.24 -17.78
N GLU A 32 -32.94 -30.27 -17.24
CA GLU A 32 -32.16 -31.47 -16.88
C GLU A 32 -32.85 -32.30 -15.80
N THR A 33 -32.91 -33.64 -15.97
CA THR A 33 -33.56 -34.56 -15.01
C THR A 33 -32.92 -34.53 -13.61
N ILE A 34 -33.76 -34.38 -12.59
CA ILE A 34 -33.38 -34.34 -11.17
C ILE A 34 -34.30 -35.29 -10.41
N TYR A 35 -33.73 -36.06 -9.47
CA TYR A 35 -34.51 -37.02 -8.70
C TYR A 35 -34.60 -36.56 -7.25
N ASP A 36 -35.79 -36.64 -6.66
CA ASP A 36 -35.94 -36.27 -5.26
C ASP A 36 -36.23 -37.53 -4.45
N ILE A 37 -35.28 -37.95 -3.61
CA ILE A 37 -35.47 -39.14 -2.77
C ILE A 37 -36.11 -38.73 -1.45
N ASP A 38 -37.40 -39.07 -1.33
CA ASP A 38 -38.26 -38.86 -0.17
C ASP A 38 -37.74 -39.71 1.00
N GLU A 39 -37.93 -39.24 2.26
CA GLU A 39 -37.52 -39.92 3.49
C GLU A 39 -38.01 -41.38 3.60
N ASP A 40 -39.05 -41.75 2.81
CA ASP A 40 -39.63 -43.10 2.71
C ASP A 40 -39.01 -43.91 1.55
N GLY A 41 -37.89 -43.43 1.02
CA GLY A 41 -37.15 -44.04 -0.09
C GLY A 41 -37.87 -43.98 -1.42
N THR A 42 -38.75 -42.96 -1.58
CA THR A 42 -39.54 -42.75 -2.80
C THR A 42 -38.79 -41.84 -3.77
N ILE A 43 -38.60 -42.31 -5.02
CA ILE A 43 -37.91 -41.57 -6.09
C ILE A 43 -38.93 -40.83 -6.93
N THR A 44 -38.74 -39.50 -7.06
CA THR A 44 -39.61 -38.62 -7.85
C THR A 44 -38.84 -37.96 -9.00
N LYS A 45 -38.99 -38.50 -10.23
CA LYS A 45 -38.35 -38.01 -11.44
C LYS A 45 -39.01 -36.69 -11.85
N LYS A 46 -38.22 -35.60 -11.88
CA LYS A 46 -38.68 -34.25 -12.22
C LYS A 46 -37.73 -33.59 -13.22
N ASP A 47 -38.03 -32.33 -13.58
CA ASP A 47 -37.22 -31.53 -14.49
C ASP A 47 -36.89 -30.24 -13.75
N ALA A 48 -35.59 -29.99 -13.54
CA ALA A 48 -35.10 -28.82 -12.84
C ALA A 48 -35.62 -27.55 -13.50
N THR A 49 -36.34 -26.72 -12.73
CA THR A 49 -36.90 -25.46 -13.22
C THR A 49 -35.83 -24.36 -13.17
N ALA A 50 -36.17 -23.13 -13.64
CA ALA A 50 -35.29 -21.96 -13.59
C ALA A 50 -35.11 -21.51 -12.13
N ALA A 51 -36.10 -21.87 -11.28
CA ALA A 51 -36.17 -21.63 -9.84
C ALA A 51 -35.10 -22.48 -9.13
N ASP A 52 -35.10 -23.82 -9.37
CA ASP A 52 -34.13 -24.78 -8.82
C ASP A 52 -32.69 -24.34 -9.16
N VAL A 53 -32.47 -23.90 -10.42
CA VAL A 53 -31.19 -23.40 -10.92
C VAL A 53 -30.81 -22.09 -10.23
N GLU A 54 -31.64 -21.01 -10.34
CA GLU A 54 -31.35 -19.69 -9.73
C GLU A 54 -31.22 -19.72 -8.19
N ALA A 55 -32.02 -20.57 -7.53
CA ALA A 55 -32.00 -20.71 -6.07
C ALA A 55 -31.30 -21.99 -5.57
N ASP A 56 -30.02 -22.12 -5.97
CA ASP A 56 -29.06 -23.16 -5.61
C ASP A 56 -27.79 -22.41 -5.18
N ASP A 57 -27.03 -22.98 -4.22
CA ASP A 57 -25.81 -22.38 -3.67
C ASP A 57 -24.84 -21.88 -4.74
N PHE A 58 -24.63 -22.70 -5.79
CA PHE A 58 -23.71 -22.45 -6.89
C PHE A 58 -24.41 -22.28 -8.24
N LYS A 59 -25.74 -22.13 -8.18
CA LYS A 59 -26.64 -21.90 -9.32
C LYS A 59 -26.40 -22.90 -10.48
N GLY A 60 -26.43 -24.19 -10.13
CA GLY A 60 -26.26 -25.32 -11.03
C GLY A 60 -24.91 -25.51 -11.70
N LEU A 61 -23.86 -24.78 -11.24
CA LEU A 61 -22.50 -24.86 -11.78
C LEU A 61 -21.75 -26.15 -11.40
N GLY A 62 -21.99 -26.64 -10.18
CA GLY A 62 -21.33 -27.81 -9.63
C GLY A 62 -20.07 -27.43 -8.89
N LEU A 63 -19.67 -28.26 -7.92
CA LEU A 63 -18.47 -28.02 -7.10
C LEU A 63 -17.18 -27.84 -7.90
N LYS A 64 -16.97 -28.65 -8.97
CA LYS A 64 -15.76 -28.56 -9.81
C LYS A 64 -15.60 -27.17 -10.46
N LYS A 65 -16.64 -26.69 -11.18
CA LYS A 65 -16.64 -25.39 -11.85
C LYS A 65 -16.41 -24.24 -10.87
N VAL A 66 -17.16 -24.23 -9.75
CA VAL A 66 -17.07 -23.23 -8.69
C VAL A 66 -15.65 -23.17 -8.10
N VAL A 67 -15.05 -24.33 -7.79
CA VAL A 67 -13.69 -24.40 -7.27
C VAL A 67 -12.66 -23.96 -8.33
N THR A 68 -12.87 -24.29 -9.61
CA THR A 68 -11.99 -23.86 -10.70
C THR A 68 -12.02 -22.32 -10.83
N ASN A 69 -13.23 -21.74 -10.75
CA ASN A 69 -13.47 -20.30 -10.82
C ASN A 69 -12.91 -19.59 -9.60
N LEU A 70 -13.15 -20.14 -8.39
CA LEU A 70 -12.63 -19.57 -7.15
C LEU A 70 -11.10 -19.52 -7.18
N THR A 71 -10.46 -20.57 -7.76
CA THR A 71 -9.00 -20.62 -7.91
C THR A 71 -8.53 -19.45 -8.80
N LYS A 72 -9.29 -19.17 -9.89
CA LYS A 72 -9.01 -18.07 -10.82
C LYS A 72 -9.15 -16.74 -10.08
N THR A 73 -10.21 -16.58 -9.26
CA THR A 73 -10.46 -15.37 -8.47
C THR A 73 -9.31 -15.10 -7.51
N VAL A 74 -8.94 -16.10 -6.67
CA VAL A 74 -7.84 -16.02 -5.70
C VAL A 74 -6.55 -15.55 -6.38
N ASN A 75 -6.19 -16.17 -7.52
CA ASN A 75 -5.00 -15.87 -8.29
C ASN A 75 -5.04 -14.47 -8.91
N GLU A 76 -6.18 -14.05 -9.50
CA GLU A 76 -6.30 -12.71 -10.10
C GLU A 76 -6.25 -11.63 -9.01
N ASN A 77 -6.95 -11.86 -7.87
CA ASN A 77 -6.99 -10.95 -6.73
C ASN A 77 -5.58 -10.72 -6.13
N LYS A 78 -4.67 -11.71 -6.23
CA LYS A 78 -3.30 -11.58 -5.75
C LYS A 78 -2.50 -10.76 -6.76
N GLN A 79 -2.62 -11.06 -8.08
CA GLN A 79 -1.94 -10.31 -9.14
C GLN A 79 -2.36 -8.82 -9.10
N ASN A 80 -3.67 -8.57 -8.91
CA ASN A 80 -4.24 -7.24 -8.84
C ASN A 80 -3.71 -6.45 -7.64
N VAL A 81 -3.70 -7.06 -6.43
CA VAL A 81 -3.21 -6.35 -5.26
C VAL A 81 -1.68 -6.20 -5.26
N ASP A 82 -0.92 -7.18 -5.78
CA ASP A 82 0.54 -7.08 -5.84
C ASP A 82 1.00 -5.90 -6.72
N ALA A 83 0.25 -5.63 -7.81
CA ALA A 83 0.52 -4.53 -8.73
C ALA A 83 0.18 -3.19 -8.08
N LYS A 84 -0.89 -3.14 -7.27
CA LYS A 84 -1.32 -1.94 -6.56
C LYS A 84 -0.29 -1.57 -5.50
N VAL A 85 0.22 -2.56 -4.75
CA VAL A 85 1.23 -2.40 -3.71
C VAL A 85 2.59 -2.02 -4.33
N LYS A 86 2.93 -2.59 -5.51
CA LYS A 86 4.17 -2.26 -6.20
C LYS A 86 4.10 -0.79 -6.72
N ALA A 87 2.88 -0.32 -7.05
CA ALA A 87 2.60 1.04 -7.51
C ALA A 87 2.73 2.02 -6.36
N ALA A 88 2.20 1.67 -5.18
CA ALA A 88 2.26 2.47 -3.96
C ALA A 88 3.70 2.61 -3.50
N GLU A 89 4.47 1.51 -3.55
CA GLU A 89 5.88 1.50 -3.18
C GLU A 89 6.72 2.35 -4.13
N SER A 90 6.29 2.44 -5.41
CA SER A 90 6.94 3.20 -6.46
C SER A 90 6.82 4.70 -6.14
N GLU A 91 5.64 5.10 -5.63
CA GLU A 91 5.33 6.46 -5.23
C GLU A 91 6.15 6.78 -3.98
N ILE A 92 6.12 5.89 -2.98
CA ILE A 92 6.90 6.02 -1.73
C ILE A 92 8.39 6.23 -2.05
N GLU A 93 8.92 5.50 -3.04
CA GLU A 93 10.32 5.63 -3.43
C GLU A 93 10.62 7.01 -4.04
N LYS A 94 9.67 7.56 -4.85
CA LYS A 94 9.80 8.87 -5.48
C LYS A 94 9.65 10.04 -4.47
N LEU A 95 8.81 9.87 -3.42
CA LEU A 95 8.64 10.83 -2.36
C LEU A 95 9.90 10.89 -1.52
N THR A 96 10.51 9.73 -1.20
CA THR A 96 11.75 9.61 -0.42
C THR A 96 12.92 10.37 -1.08
N THR A 97 13.09 10.19 -2.40
CA THR A 97 14.15 10.83 -3.15
C THR A 97 13.94 12.36 -3.18
N LYS A 98 12.69 12.80 -3.38
CA LYS A 98 12.32 14.22 -3.42
C LYS A 98 12.44 14.88 -2.06
N LEU A 99 12.16 14.13 -0.98
CA LEU A 99 12.30 14.66 0.38
C LEU A 99 13.78 14.77 0.77
N ALA A 100 14.63 13.88 0.24
CA ALA A 100 16.07 13.92 0.51
C ALA A 100 16.73 15.07 -0.27
N ASP A 101 16.18 15.39 -1.47
CA ASP A 101 16.63 16.48 -2.33
C ASP A 101 16.26 17.84 -1.72
N THR A 102 15.08 17.92 -1.06
CA THR A 102 14.56 19.12 -0.39
C THR A 102 15.41 19.41 0.82
N ASP A 103 15.73 18.38 1.61
CA ASP A 103 16.55 18.50 2.81
C ASP A 103 17.97 18.92 2.49
N ALA A 104 18.51 18.44 1.35
CA ALA A 104 19.85 18.80 0.89
C ALA A 104 19.87 20.28 0.47
N ALA A 105 18.80 20.74 -0.21
CA ALA A 105 18.61 22.11 -0.68
C ALA A 105 18.38 23.03 0.49
N LEU A 106 17.66 22.55 1.53
CA LEU A 106 17.41 23.35 2.72
C LEU A 106 18.72 23.55 3.49
N ALA A 107 19.56 22.51 3.55
CA ALA A 107 20.85 22.57 4.23
C ALA A 107 21.78 23.59 3.56
N ASP A 108 21.69 23.74 2.23
CA ASP A 108 22.50 24.68 1.47
C ASP A 108 22.01 26.12 1.65
N THR A 109 20.66 26.31 1.77
CA THR A 109 20.03 27.60 2.04
C THR A 109 20.54 28.07 3.39
N ASP A 110 20.51 27.18 4.39
CA ASP A 110 20.98 27.46 5.73
C ASP A 110 22.45 27.89 5.71
N ALA A 111 23.29 27.18 4.94
CA ALA A 111 24.71 27.51 4.78
C ALA A 111 24.86 28.90 4.15
N ALA A 112 24.08 29.20 3.07
CA ALA A 112 24.09 30.52 2.41
C ALA A 112 23.60 31.65 3.36
N LEU A 113 22.57 31.36 4.18
CA LEU A 113 22.03 32.33 5.13
C LEU A 113 23.04 32.64 6.21
N ASP A 114 23.69 31.59 6.74
CA ASP A 114 24.76 31.72 7.74
C ASP A 114 25.87 32.67 7.21
N ALA A 115 26.27 32.51 5.92
CA ALA A 115 27.27 33.35 5.31
C ALA A 115 26.77 34.79 5.10
N THR A 116 25.51 34.98 4.65
CA THR A 116 25.01 36.35 4.51
C THR A 116 25.01 37.04 5.88
N THR A 117 24.51 36.35 6.93
CA THR A 117 24.48 36.89 8.30
C THR A 117 25.87 37.28 8.79
N ASN A 118 26.89 36.42 8.61
CA ASN A 118 28.25 36.75 9.04
C ASN A 118 28.84 37.90 8.26
N ALA A 119 28.48 38.03 6.95
CA ALA A 119 28.98 39.16 6.16
C ALA A 119 28.32 40.46 6.66
N LEU A 120 27.01 40.36 7.06
CA LEU A 120 26.24 41.51 7.58
C LEU A 120 26.88 42.01 8.85
N ASN A 121 27.15 41.08 9.78
CA ASN A 121 27.85 41.32 11.04
C ASN A 121 29.24 41.91 10.85
N LYS A 122 30.07 41.37 9.92
CA LYS A 122 31.39 41.93 9.70
C LYS A 122 31.29 43.35 9.16
N LEU A 123 30.35 43.58 8.21
CA LEU A 123 30.14 44.90 7.64
C LEU A 123 29.75 45.88 8.74
N GLY A 124 28.78 45.49 9.58
CA GLY A 124 28.30 46.30 10.70
C GLY A 124 29.43 46.68 11.63
N GLU A 125 30.34 45.72 11.94
CA GLU A 125 31.48 46.06 12.79
C GLU A 125 32.44 47.05 12.08
N ASN A 126 32.77 46.82 10.79
CA ASN A 126 33.65 47.73 10.00
C ASN A 126 33.12 49.18 9.90
N ILE A 127 31.80 49.40 9.67
CA ILE A 127 31.29 50.79 9.66
C ILE A 127 31.34 51.42 11.00
N THR A 128 31.17 50.66 12.06
CA THR A 128 31.24 51.26 13.39
C THR A 128 32.67 51.83 13.64
N THR A 129 33.72 51.03 13.30
CA THR A 129 35.10 51.51 13.43
C THR A 129 35.30 52.77 12.58
N PHE A 130 34.87 52.72 11.28
CA PHE A 130 34.99 53.85 10.38
C PHE A 130 34.28 55.10 10.93
N ALA A 131 33.02 54.95 11.37
CA ALA A 131 32.25 56.05 11.95
C ALA A 131 32.95 56.66 13.18
N GLU A 132 33.48 55.82 14.07
CA GLU A 132 34.19 56.27 15.26
C GLU A 132 35.43 57.04 14.88
N GLU A 133 36.26 56.52 13.94
CA GLU A 133 37.46 57.24 13.53
C GLU A 133 37.09 58.51 12.80
N THR A 134 36.00 58.53 12.02
CA THR A 134 35.53 59.75 11.34
C THR A 134 35.11 60.80 12.39
N LYS A 135 34.32 60.41 13.43
CA LYS A 135 33.90 61.35 14.50
C LYS A 135 35.11 61.99 15.15
N THR A 136 36.11 61.20 15.48
CA THR A 136 37.35 61.64 16.08
C THR A 136 38.09 62.66 15.22
N ASN A 137 38.24 62.37 13.90
CA ASN A 137 38.96 63.27 13.01
C ASN A 137 38.25 64.59 12.91
N ILE A 138 36.89 64.59 12.78
CA ILE A 138 36.07 65.80 12.70
C ILE A 138 36.15 66.61 13.97
N VAL A 139 36.10 65.93 15.13
CA VAL A 139 36.21 66.57 16.42
C VAL A 139 37.58 67.29 16.55
N LYS A 140 38.69 66.62 16.12
CA LYS A 140 40.05 67.20 16.13
C LYS A 140 40.10 68.46 15.25
N ILE A 141 39.65 68.37 13.97
CA ILE A 141 39.60 69.51 13.05
C ILE A 141 38.83 70.65 13.71
N ASP A 142 37.62 70.38 14.24
CA ASP A 142 36.77 71.39 14.89
C ASP A 142 37.52 72.09 16.03
N GLU A 143 38.33 71.35 16.81
CA GLU A 143 39.15 71.87 17.90
C GLU A 143 40.25 72.81 17.36
N LYS A 144 41.02 72.39 16.31
CA LYS A 144 42.05 73.21 15.65
C LYS A 144 41.42 74.52 15.12
N LEU A 145 40.15 74.47 14.65
CA LEU A 145 39.44 75.64 14.17
C LEU A 145 38.94 76.53 15.33
N GLU A 146 38.37 75.94 16.40
CA GLU A 146 37.85 76.64 17.59
C GLU A 146 38.96 77.35 18.36
N ALA A 147 40.18 76.78 18.31
CA ALA A 147 41.36 77.33 18.96
C ALA A 147 41.94 78.46 18.11
N ALA A 148 42.12 78.23 16.78
CA ALA A 148 42.64 79.23 15.83
C ALA A 148 41.74 80.48 15.71
N SER A 149 40.45 80.38 16.10
CA SER A 149 39.50 81.50 16.09
C SER A 149 39.78 82.43 17.28
N LYS A 150 40.01 81.85 18.48
CA LYS A 150 40.33 82.54 19.73
C LYS A 150 41.76 83.14 19.64
N HIS A 151 41.84 84.46 19.37
CA HIS A 151 43.10 85.19 19.23
C HIS A 151 42.99 86.60 19.81
N ASP B 5 -30.58 -59.87 -14.78
CA ASP B 5 -31.72 -59.06 -14.36
C ASP B 5 -31.49 -57.55 -14.56
N ASP B 6 -32.59 -56.77 -14.56
CA ASP B 6 -32.58 -55.32 -14.68
C ASP B 6 -32.05 -54.70 -13.39
N VAL B 7 -32.33 -55.35 -12.23
CA VAL B 7 -31.85 -54.92 -10.92
C VAL B 7 -30.33 -55.13 -10.78
N LYS B 8 -29.77 -56.14 -11.50
CA LYS B 8 -28.34 -56.42 -11.55
C LYS B 8 -27.66 -55.20 -12.20
N LYS B 9 -28.21 -54.76 -13.35
CA LYS B 9 -27.73 -53.63 -14.11
C LYS B 9 -27.78 -52.33 -13.29
N ILE B 10 -28.94 -51.97 -12.71
CA ILE B 10 -29.13 -50.77 -11.88
C ILE B 10 -28.12 -50.73 -10.72
N ALA B 11 -27.92 -51.88 -10.02
CA ALA B 11 -26.97 -51.98 -8.91
C ALA B 11 -25.52 -51.80 -9.36
N THR B 12 -25.15 -52.38 -10.51
CA THR B 12 -23.80 -52.28 -11.08
C THR B 12 -23.47 -50.82 -11.46
N VAL B 13 -24.41 -50.15 -12.15
CA VAL B 13 -24.25 -48.75 -12.57
C VAL B 13 -24.12 -47.86 -11.33
N ALA B 14 -25.00 -48.05 -10.31
CA ALA B 14 -24.99 -47.30 -9.05
C ALA B 14 -23.66 -47.41 -8.33
N LEU B 15 -23.11 -48.64 -8.21
CA LEU B 15 -21.82 -48.86 -7.57
C LEU B 15 -20.69 -48.11 -8.28
N ALA B 16 -20.58 -48.28 -9.61
CA ALA B 16 -19.61 -47.63 -10.47
C ALA B 16 -19.77 -46.09 -10.42
N ALA B 17 -21.03 -45.58 -10.43
CA ALA B 17 -21.31 -44.14 -10.33
C ALA B 17 -20.87 -43.60 -8.99
N ALA B 18 -21.17 -44.34 -7.89
CA ALA B 18 -20.80 -43.99 -6.51
C ALA B 18 -19.29 -43.99 -6.35
N TYR B 19 -18.65 -44.97 -7.00
CA TYR B 19 -17.19 -45.13 -7.02
C TYR B 19 -16.56 -43.91 -7.66
N ASN B 20 -17.02 -43.55 -8.88
CA ASN B 20 -16.48 -42.43 -9.65
C ASN B 20 -16.73 -41.08 -9.00
N ASN B 21 -17.84 -40.92 -8.26
CA ASN B 21 -18.09 -39.69 -7.52
C ASN B 21 -17.09 -39.57 -6.35
N GLY B 22 -16.79 -40.71 -5.72
CA GLY B 22 -15.82 -40.82 -4.64
C GLY B 22 -14.44 -40.38 -5.07
N GLN B 23 -14.05 -40.72 -6.32
CA GLN B 23 -12.76 -40.35 -6.90
C GLN B 23 -12.74 -38.87 -7.23
N GLU B 24 -13.92 -38.28 -7.50
CA GLU B 24 -13.96 -36.85 -7.78
C GLU B 24 -13.76 -36.07 -6.47
N ILE B 25 -14.25 -36.65 -5.36
CA ILE B 25 -14.12 -36.05 -4.03
C ILE B 25 -12.71 -36.31 -3.45
N ASN B 26 -12.27 -37.57 -3.44
CA ASN B 26 -11.02 -38.00 -2.83
C ASN B 26 -9.80 -38.19 -3.76
N GLY B 27 -9.96 -37.96 -5.07
CA GLY B 27 -8.87 -38.05 -6.02
C GLY B 27 -8.52 -39.43 -6.54
N PHE B 28 -7.67 -39.47 -7.58
CA PHE B 28 -7.19 -40.69 -8.21
C PHE B 28 -5.75 -40.52 -8.73
N LYS B 29 -4.98 -41.62 -8.86
CA LYS B 29 -3.59 -41.61 -9.35
C LYS B 29 -3.43 -42.50 -10.59
N ALA B 30 -2.27 -42.39 -11.30
CA ALA B 30 -1.99 -43.20 -12.49
C ALA B 30 -1.89 -44.69 -12.10
N GLY B 31 -2.71 -45.51 -12.75
CA GLY B 31 -2.79 -46.94 -12.48
C GLY B 31 -4.06 -47.35 -11.75
N GLU B 32 -4.61 -46.44 -10.93
CA GLU B 32 -5.83 -46.61 -10.12
C GLU B 32 -7.04 -46.90 -11.01
N THR B 33 -7.89 -47.88 -10.61
CA THR B 33 -9.09 -48.30 -11.35
C THR B 33 -10.11 -47.16 -11.50
N ILE B 34 -10.58 -46.94 -12.75
CA ILE B 34 -11.58 -45.93 -13.12
C ILE B 34 -12.64 -46.60 -13.98
N TYR B 35 -13.91 -46.28 -13.75
CA TYR B 35 -15.00 -46.87 -14.53
C TYR B 35 -15.66 -45.83 -15.41
N ASP B 36 -15.91 -46.18 -16.67
CA ASP B 36 -16.57 -45.26 -17.59
C ASP B 36 -17.96 -45.80 -17.89
N ILE B 37 -19.01 -45.09 -17.41
CA ILE B 37 -20.38 -45.52 -17.65
C ILE B 37 -20.88 -44.88 -18.94
N ASP B 38 -20.98 -45.72 -19.99
CA ASP B 38 -21.46 -45.41 -21.34
C ASP B 38 -22.96 -45.06 -21.25
N GLU B 39 -23.44 -44.18 -22.16
CA GLU B 39 -24.84 -43.72 -22.24
C GLU B 39 -25.87 -44.86 -22.32
N ASP B 40 -25.41 -46.09 -22.67
CA ASP B 40 -26.23 -47.31 -22.74
C ASP B 40 -26.11 -48.14 -21.43
N GLY B 41 -25.62 -47.51 -20.36
CA GLY B 41 -25.42 -48.11 -19.05
C GLY B 41 -24.35 -49.18 -19.00
N THR B 42 -23.36 -49.10 -19.92
CA THR B 42 -22.25 -50.05 -20.04
C THR B 42 -21.06 -49.58 -19.20
N ILE B 43 -20.58 -50.47 -18.30
CA ILE B 43 -19.44 -50.21 -17.41
C ILE B 43 -18.16 -50.72 -18.05
N THR B 44 -17.17 -49.82 -18.19
CA THR B 44 -15.85 -50.14 -18.77
C THR B 44 -14.73 -49.92 -17.74
N LYS B 45 -14.26 -51.03 -17.14
CA LYS B 45 -13.17 -51.06 -16.15
C LYS B 45 -11.85 -50.77 -16.88
N LYS B 46 -11.24 -49.63 -16.57
CA LYS B 46 -10.01 -49.15 -17.18
C LYS B 46 -9.05 -48.67 -16.07
N ASP B 47 -7.74 -48.75 -16.29
CA ASP B 47 -6.77 -48.25 -15.32
C ASP B 47 -6.32 -46.89 -15.83
N ALA B 48 -6.56 -45.83 -15.05
CA ALA B 48 -6.23 -44.44 -15.38
C ALA B 48 -4.78 -44.30 -15.83
N THR B 49 -4.56 -43.52 -16.89
CA THR B 49 -3.22 -43.27 -17.46
C THR B 49 -2.64 -41.96 -16.90
N ALA B 50 -1.39 -41.60 -17.30
CA ALA B 50 -0.73 -40.35 -16.90
C ALA B 50 -1.43 -39.16 -17.59
N ALA B 51 -2.11 -39.47 -18.73
CA ALA B 51 -2.91 -38.55 -19.54
C ALA B 51 -4.17 -38.13 -18.78
N ASP B 52 -4.97 -39.13 -18.29
CA ASP B 52 -6.18 -38.94 -17.48
C ASP B 52 -5.87 -38.07 -16.25
N VAL B 53 -4.74 -38.36 -15.57
CA VAL B 53 -4.25 -37.62 -14.40
C VAL B 53 -3.84 -36.20 -14.78
N GLU B 54 -2.87 -36.01 -15.72
CA GLU B 54 -2.39 -34.67 -16.13
C GLU B 54 -3.49 -33.77 -16.75
N ALA B 55 -4.43 -34.40 -17.50
CA ALA B 55 -5.51 -33.67 -18.15
C ALA B 55 -6.88 -33.84 -17.44
N ASP B 56 -6.89 -33.44 -16.16
CA ASP B 56 -8.04 -33.38 -15.23
C ASP B 56 -7.96 -31.97 -14.60
N ASP B 57 -9.13 -31.36 -14.30
CA ASP B 57 -9.25 -30.02 -13.71
C ASP B 57 -8.33 -29.80 -12.50
N PHE B 58 -8.26 -30.82 -11.60
CA PHE B 58 -7.49 -30.79 -10.37
C PHE B 58 -6.34 -31.80 -10.35
N LYS B 59 -6.06 -32.38 -11.54
CA LYS B 59 -5.00 -33.36 -11.81
C LYS B 59 -4.96 -34.51 -10.77
N GLY B 60 -6.13 -35.16 -10.62
CA GLY B 60 -6.36 -36.30 -9.73
C GLY B 60 -6.26 -36.07 -8.24
N LEU B 61 -6.23 -34.79 -7.78
CA LEU B 61 -6.13 -34.43 -6.37
C LEU B 61 -7.43 -34.64 -5.58
N GLY B 62 -8.57 -34.42 -6.24
CA GLY B 62 -9.89 -34.53 -5.63
C GLY B 62 -10.33 -33.21 -5.04
N LEU B 63 -11.66 -33.00 -4.94
CA LEU B 63 -12.22 -31.76 -4.43
C LEU B 63 -11.77 -31.40 -3.00
N LYS B 64 -11.66 -32.40 -2.09
CA LYS B 64 -11.22 -32.17 -0.71
C LYS B 64 -9.81 -31.55 -0.62
N LYS B 65 -8.80 -32.19 -1.27
CA LYS B 65 -7.41 -31.72 -1.29
C LYS B 65 -7.31 -30.32 -1.88
N VAL B 66 -7.96 -30.09 -3.05
CA VAL B 66 -7.96 -28.81 -3.76
C VAL B 66 -8.54 -27.70 -2.89
N VAL B 67 -9.67 -27.96 -2.21
CA VAL B 67 -10.31 -27.00 -1.30
C VAL B 67 -9.44 -26.77 -0.05
N THR B 68 -8.76 -27.80 0.47
CA THR B 68 -7.84 -27.65 1.62
C THR B 68 -6.66 -26.75 1.23
N ASN B 69 -6.09 -26.96 0.03
CA ASN B 69 -4.99 -26.18 -0.53
C ASN B 69 -5.42 -24.76 -0.83
N LEU B 70 -6.58 -24.58 -1.47
CA LEU B 70 -7.11 -23.25 -1.78
C LEU B 70 -7.32 -22.44 -0.51
N THR B 71 -7.76 -23.09 0.58
CA THR B 71 -7.93 -22.45 1.89
C THR B 71 -6.58 -21.95 2.42
N LYS B 72 -5.50 -22.75 2.22
CA LYS B 72 -4.13 -22.41 2.61
C LYS B 72 -3.67 -21.21 1.78
N THR B 73 -3.95 -21.22 0.45
CA THR B 73 -3.56 -20.14 -0.45
C THR B 73 -4.21 -18.82 -0.02
N VAL B 74 -5.55 -18.80 0.15
CA VAL B 74 -6.33 -17.64 0.59
C VAL B 74 -5.74 -17.03 1.87
N ASN B 75 -5.48 -17.89 2.87
CA ASN B 75 -4.93 -17.48 4.16
C ASN B 75 -3.49 -16.94 4.05
N GLU B 76 -2.60 -17.62 3.28
CA GLU B 76 -1.22 -17.16 3.10
C GLU B 76 -1.17 -15.84 2.34
N ASN B 77 -1.99 -15.72 1.27
CA ASN B 77 -2.10 -14.53 0.43
C ASN B 77 -2.58 -13.29 1.24
N LYS B 78 -3.37 -13.51 2.33
CA LYS B 78 -3.82 -12.42 3.19
C LYS B 78 -2.68 -12.02 4.12
N GLN B 79 -1.98 -13.01 4.73
CA GLN B 79 -0.83 -12.75 5.61
C GLN B 79 0.26 -12.00 4.84
N ASN B 80 0.52 -12.43 3.58
CA ASN B 80 1.52 -11.84 2.72
C ASN B 80 1.20 -10.39 2.36
N VAL B 81 -0.05 -10.10 1.95
CA VAL B 81 -0.43 -8.75 1.58
C VAL B 81 -0.57 -7.83 2.82
N ASP B 82 -1.05 -8.36 3.97
CA ASP B 82 -1.18 -7.54 5.19
C ASP B 82 0.19 -7.02 5.68
N ALA B 83 1.25 -7.84 5.51
CA ALA B 83 2.62 -7.50 5.89
C ALA B 83 3.19 -6.45 4.93
N LYS B 84 2.85 -6.55 3.62
CA LYS B 84 3.29 -5.60 2.60
C LYS B 84 2.67 -4.23 2.84
N VAL B 85 1.35 -4.21 3.18
CA VAL B 85 0.59 -2.98 3.46
C VAL B 85 1.06 -2.36 4.79
N LYS B 86 1.38 -3.20 5.80
CA LYS B 86 1.90 -2.71 7.08
C LYS B 86 3.31 -2.08 6.89
N ALA B 87 4.08 -2.61 5.91
CA ALA B 87 5.41 -2.14 5.54
C ALA B 87 5.31 -0.79 4.83
N ALA B 88 4.34 -0.66 3.89
CA ALA B 88 4.07 0.55 3.13
C ALA B 88 3.65 1.67 4.06
N GLU B 89 2.75 1.35 5.02
CA GLU B 89 2.26 2.31 6.02
C GLU B 89 3.38 2.78 6.96
N SER B 90 4.36 1.90 7.23
CA SER B 90 5.52 2.20 8.07
C SER B 90 6.39 3.24 7.35
N GLU B 91 6.53 3.10 6.02
CA GLU B 91 7.28 3.98 5.15
C GLU B 91 6.61 5.34 5.09
N ILE B 92 5.27 5.34 4.94
CA ILE B 92 4.43 6.55 4.93
C ILE B 92 4.53 7.29 6.27
N GLU B 93 4.58 6.55 7.38
CA GLU B 93 4.67 7.15 8.73
C GLU B 93 6.02 7.86 8.93
N LYS B 94 7.12 7.26 8.40
CA LYS B 94 8.46 7.84 8.49
C LYS B 94 8.60 9.11 7.62
N LEU B 95 8.02 9.08 6.39
CA LEU B 95 8.00 10.20 5.46
C LEU B 95 7.26 11.39 6.07
N THR B 96 6.12 11.12 6.74
CA THR B 96 5.30 12.14 7.41
C THR B 96 6.11 12.89 8.50
N THR B 97 6.84 12.13 9.34
CA THR B 97 7.66 12.70 10.41
C THR B 97 8.78 13.57 9.82
N LYS B 98 9.46 13.07 8.75
CA LYS B 98 10.55 13.76 8.09
C LYS B 98 10.08 14.99 7.35
N LEU B 99 8.85 14.97 6.79
CA LEU B 99 8.29 16.12 6.11
C LEU B 99 7.87 17.21 7.11
N ALA B 100 7.44 16.80 8.32
CA ALA B 100 7.05 17.74 9.38
C ALA B 100 8.31 18.40 9.99
N ASP B 101 9.44 17.65 10.03
CA ASP B 101 10.73 18.11 10.53
C ASP B 101 11.35 19.12 9.54
N THR B 102 11.16 18.91 8.22
CA THR B 102 11.64 19.76 7.14
C THR B 102 10.90 21.08 7.18
N ASP B 103 9.56 21.03 7.34
CA ASP B 103 8.69 22.19 7.42
C ASP B 103 8.99 23.05 8.63
N ALA B 104 9.33 22.39 9.78
CA ALA B 104 9.68 23.07 11.02
C ALA B 104 11.02 23.80 10.85
N ALA B 105 11.98 23.16 10.14
CA ALA B 105 13.30 23.70 9.85
C ALA B 105 13.20 24.83 8.84
N LEU B 106 12.26 24.71 7.87
CA LEU B 106 12.06 25.75 6.87
C LEU B 106 11.47 26.99 7.53
N ALA B 107 10.54 26.80 8.49
CA ALA B 107 9.91 27.89 9.24
C ALA B 107 10.94 28.67 10.06
N ASP B 108 11.96 27.97 10.58
CA ASP B 108 13.04 28.58 11.36
C ASP B 108 14.01 29.37 10.48
N THR B 109 14.28 28.85 9.25
CA THR B 109 15.11 29.51 8.25
C THR B 109 14.44 30.83 7.90
N ASP B 110 13.12 30.78 7.65
CA ASP B 110 12.34 31.96 7.32
C ASP B 110 12.41 33.01 8.43
N ALA B 111 12.32 32.56 9.72
CA ALA B 111 12.46 33.42 10.91
C ALA B 111 13.85 34.06 10.94
N ALA B 112 14.91 33.24 10.71
CA ALA B 112 16.28 33.76 10.67
C ALA B 112 16.53 34.74 9.48
N LEU B 113 15.91 34.46 8.33
CA LEU B 113 16.04 35.32 7.18
C LEU B 113 15.41 36.68 7.45
N ASP B 114 14.24 36.71 8.11
CA ASP B 114 13.57 37.97 8.51
C ASP B 114 14.41 38.80 9.47
N ALA B 115 15.04 38.19 10.47
CA ALA B 115 15.94 38.89 11.36
C ALA B 115 17.14 39.48 10.57
N THR B 116 17.81 38.68 9.70
CA THR B 116 18.94 39.21 8.91
C THR B 116 18.49 40.39 7.99
N THR B 117 17.31 40.27 7.32
CA THR B 117 16.81 41.34 6.46
C THR B 117 16.54 42.61 7.24
N ASN B 118 15.88 42.49 8.43
CA ASN B 118 15.59 43.67 9.25
C ASN B 118 16.87 44.30 9.79
N ALA B 119 17.86 43.50 10.22
CA ALA B 119 19.15 44.05 10.68
C ALA B 119 19.84 44.80 9.50
N LEU B 120 19.72 44.21 8.27
CA LEU B 120 20.27 44.84 7.07
C LEU B 120 19.64 46.25 6.82
N ASN B 121 18.29 46.32 6.82
CA ASN B 121 17.54 47.56 6.62
C ASN B 121 17.89 48.57 7.69
N LYS B 122 17.96 48.12 8.97
CA LYS B 122 18.31 49.01 10.08
C LYS B 122 19.74 49.52 9.92
N LEU B 123 20.67 48.66 9.52
CA LEU B 123 22.04 49.11 9.26
C LEU B 123 22.06 50.13 8.12
N GLY B 124 21.39 49.81 7.00
CA GLY B 124 21.33 50.70 5.84
C GLY B 124 20.85 52.10 6.25
N GLU B 125 19.75 52.18 7.05
CA GLU B 125 19.21 53.45 7.55
C GLU B 125 20.23 54.21 8.43
N ASN B 126 20.86 53.50 9.38
CA ASN B 126 21.87 54.08 10.27
C ASN B 126 23.05 54.65 9.51
N ILE B 127 23.55 53.91 8.45
CA ILE B 127 24.65 54.43 7.60
C ILE B 127 24.23 55.70 6.88
N THR B 128 23.01 55.75 6.33
CA THR B 128 22.51 56.95 5.65
C THR B 128 22.57 58.19 6.56
N THR B 129 22.08 58.10 7.82
CA THR B 129 22.12 59.21 8.79
C THR B 129 23.54 59.67 9.05
N PHE B 130 24.45 58.72 9.33
CA PHE B 130 25.85 59.05 9.55
C PHE B 130 26.47 59.70 8.31
N ALA B 131 26.16 59.20 7.09
CA ALA B 131 26.68 59.81 5.87
C ALA B 131 26.21 61.28 5.75
N GLU B 132 24.90 61.54 5.94
CA GLU B 132 24.31 62.88 5.91
C GLU B 132 24.95 63.76 6.96
N GLU B 133 25.07 63.28 8.24
CA GLU B 133 25.70 64.08 9.28
C GLU B 133 27.14 64.38 8.94
N THR B 134 27.90 63.37 8.46
CA THR B 134 29.30 63.57 8.02
C THR B 134 29.38 64.60 6.91
N LYS B 135 28.49 64.53 5.88
CA LYS B 135 28.51 65.48 4.77
C LYS B 135 28.35 66.89 5.27
N THR B 136 27.32 67.14 6.09
CA THR B 136 27.03 68.41 6.76
C THR B 136 28.26 68.91 7.55
N ASN B 137 28.94 68.04 8.32
CA ASN B 137 30.12 68.51 9.06
C ASN B 137 31.30 68.91 8.17
N ILE B 138 31.61 68.14 7.12
CA ILE B 138 32.71 68.44 6.18
C ILE B 138 32.39 69.71 5.37
N VAL B 139 31.10 69.91 5.03
CA VAL B 139 30.70 71.09 4.28
C VAL B 139 30.90 72.34 5.14
N LYS B 140 30.46 72.30 6.40
CA LYS B 140 30.63 73.38 7.37
C LYS B 140 32.11 73.75 7.52
N ILE B 141 32.99 72.73 7.78
CA ILE B 141 34.44 72.94 7.89
C ILE B 141 34.95 73.65 6.61
N ASP B 142 34.58 73.11 5.41
CA ASP B 142 34.97 73.70 4.12
C ASP B 142 34.60 75.17 4.03
N GLU B 143 33.41 75.55 4.53
CA GLU B 143 32.92 76.92 4.55
C GLU B 143 33.80 77.81 5.49
N LYS B 144 34.06 77.36 6.75
CA LYS B 144 34.95 78.04 7.71
C LYS B 144 36.36 78.26 7.08
N LEU B 145 36.82 77.31 6.25
CA LEU B 145 38.11 77.42 5.56
C LEU B 145 38.06 78.39 4.37
N GLU B 146 36.99 78.30 3.53
CA GLU B 146 36.77 79.14 2.34
C GLU B 146 36.56 80.61 2.71
N ALA B 147 36.00 80.85 3.90
CA ALA B 147 35.76 82.18 4.44
C ALA B 147 37.05 82.74 5.03
N ALA B 148 37.76 81.95 5.87
CA ALA B 148 39.03 82.35 6.51
C ALA B 148 40.15 82.64 5.48
N SER B 149 40.01 82.08 4.25
CA SER B 149 40.95 82.25 3.13
C SER B 149 40.84 83.68 2.59
N LYS B 150 39.64 84.08 2.11
CA LYS B 150 39.39 85.42 1.56
C LYS B 150 39.37 86.51 2.67
N HIS B 151 40.48 87.27 2.72
CA HIS B 151 40.74 88.34 3.68
C HIS B 151 41.26 89.61 2.97
N ASP C 5 -27.77 -62.90 -2.15
CA ASP C 5 -27.30 -62.77 -3.53
C ASP C 5 -26.13 -61.77 -3.65
N ASP C 6 -25.39 -61.85 -4.78
CA ASP C 6 -24.27 -60.98 -5.11
C ASP C 6 -24.80 -59.59 -5.45
N VAL C 7 -26.02 -59.51 -6.07
CA VAL C 7 -26.70 -58.25 -6.41
C VAL C 7 -27.17 -57.52 -5.15
N LYS C 8 -27.49 -58.29 -4.07
CA LYS C 8 -27.89 -57.72 -2.78
C LYS C 8 -26.70 -56.94 -2.23
N LYS C 9 -25.51 -57.57 -2.26
CA LYS C 9 -24.26 -56.99 -1.78
C LYS C 9 -23.88 -55.73 -2.58
N ILE C 10 -23.84 -55.81 -3.93
CA ILE C 10 -23.52 -54.67 -4.81
C ILE C 10 -24.45 -53.46 -4.55
N ALA C 11 -25.77 -53.72 -4.40
CA ALA C 11 -26.76 -52.68 -4.12
C ALA C 11 -26.55 -52.03 -2.74
N THR C 12 -26.23 -52.86 -1.72
CA THR C 12 -25.99 -52.38 -0.35
C THR C 12 -24.76 -51.48 -0.29
N VAL C 13 -23.64 -51.91 -0.93
CA VAL C 13 -22.39 -51.17 -0.99
C VAL C 13 -22.63 -49.83 -1.72
N ALA C 14 -23.33 -49.86 -2.88
CA ALA C 14 -23.64 -48.69 -3.70
C ALA C 14 -24.43 -47.65 -2.90
N LEU C 15 -25.48 -48.10 -2.15
CA LEU C 15 -26.27 -47.18 -1.33
C LEU C 15 -25.41 -46.51 -0.26
N ALA C 16 -24.64 -47.29 0.51
CA ALA C 16 -23.74 -46.83 1.56
C ALA C 16 -22.67 -45.90 0.98
N ALA C 17 -22.09 -46.23 -0.20
CA ALA C 17 -21.09 -45.40 -0.89
C ALA C 17 -21.70 -44.06 -1.30
N ALA C 18 -22.92 -44.09 -1.88
CA ALA C 18 -23.68 -42.92 -2.32
C ALA C 18 -24.04 -42.04 -1.13
N TYR C 19 -24.40 -42.70 -0.01
CA TYR C 19 -24.72 -42.06 1.25
C TYR C 19 -23.52 -41.27 1.76
N ASN C 20 -22.35 -41.95 1.89
CA ASN C 20 -21.11 -41.32 2.39
C ASN C 20 -20.68 -40.17 1.53
N ASN C 21 -20.76 -40.33 0.18
CA ASN C 21 -20.39 -39.26 -0.72
C ASN C 21 -21.26 -38.02 -0.47
N GLY C 22 -22.56 -38.25 -0.23
CA GLY C 22 -23.52 -37.22 0.10
C GLY C 22 -23.14 -36.45 1.34
N GLN C 23 -22.62 -37.15 2.36
CA GLN C 23 -22.16 -36.55 3.61
C GLN C 23 -20.88 -35.77 3.40
N GLU C 24 -20.07 -36.16 2.41
CA GLU C 24 -18.85 -35.42 2.12
C GLU C 24 -19.21 -34.09 1.45
N ILE C 25 -20.30 -34.10 0.64
CA ILE C 25 -20.79 -32.92 -0.06
C ILE C 25 -21.59 -32.01 0.89
N ASN C 26 -22.57 -32.59 1.61
CA ASN C 26 -23.51 -31.87 2.45
C ASN C 26 -23.21 -31.86 3.97
N GLY C 27 -22.15 -32.52 4.41
CA GLY C 27 -21.75 -32.53 5.83
C GLY C 27 -22.46 -33.51 6.72
N PHE C 28 -21.92 -33.68 7.94
CA PHE C 28 -22.44 -34.58 8.98
C PHE C 28 -22.20 -33.98 10.39
N LYS C 29 -23.03 -34.37 11.39
CA LYS C 29 -22.92 -33.91 12.78
C LYS C 29 -22.73 -35.10 13.75
N ALA C 30 -22.36 -34.81 15.03
CA ALA C 30 -22.17 -35.83 16.05
C ALA C 30 -23.53 -36.53 16.35
N GLY C 31 -23.56 -37.85 16.21
CA GLY C 31 -24.77 -38.66 16.40
C GLY C 31 -25.35 -39.19 15.10
N GLU C 32 -25.10 -38.48 13.99
CA GLU C 32 -25.57 -38.78 12.62
C GLU C 32 -24.96 -40.08 12.11
N THR C 33 -25.79 -40.95 11.48
CA THR C 33 -25.37 -42.26 10.95
C THR C 33 -24.29 -42.15 9.87
N ILE C 34 -23.21 -42.92 10.02
CA ILE C 34 -22.07 -43.00 9.09
C ILE C 34 -21.79 -44.47 8.82
N TYR C 35 -21.50 -44.81 7.56
CA TYR C 35 -21.22 -46.19 7.18
C TYR C 35 -19.76 -46.35 6.78
N ASP C 36 -19.10 -47.40 7.27
CA ASP C 36 -17.72 -47.65 6.91
C ASP C 36 -17.66 -48.88 6.03
N ILE C 37 -17.30 -48.69 4.75
CA ILE C 37 -17.20 -49.79 3.79
C ILE C 37 -15.79 -50.37 3.83
N ASP C 38 -15.67 -51.55 4.47
CA ASP C 38 -14.45 -52.33 4.62
C ASP C 38 -14.02 -52.83 3.22
N GLU C 39 -12.69 -53.00 3.01
CA GLU C 39 -12.07 -53.46 1.75
C GLU C 39 -12.68 -54.79 1.23
N ASP C 40 -13.36 -55.56 2.12
CA ASP C 40 -14.04 -56.82 1.80
C ASP C 40 -15.56 -56.60 1.51
N GLY C 41 -15.93 -55.33 1.24
CA GLY C 41 -17.29 -54.91 0.95
C GLY C 41 -18.25 -55.03 2.12
N THR C 42 -17.71 -54.96 3.36
CA THR C 42 -18.48 -55.07 4.60
C THR C 42 -18.94 -53.69 5.07
N ILE C 43 -20.25 -53.53 5.28
CA ILE C 43 -20.87 -52.27 5.74
C ILE C 43 -21.01 -52.29 7.25
N THR C 44 -20.45 -51.26 7.91
CA THR C 44 -20.50 -51.10 9.37
C THR C 44 -21.24 -49.81 9.75
N LYS C 45 -22.51 -49.95 10.15
CA LYS C 45 -23.39 -48.85 10.58
C LYS C 45 -22.92 -48.36 11.96
N LYS C 46 -22.50 -47.09 12.02
CA LYS C 46 -22.01 -46.46 13.24
C LYS C 46 -22.66 -45.08 13.45
N ASP C 47 -22.28 -44.38 14.53
CA ASP C 47 -22.80 -43.05 14.82
C ASP C 47 -21.59 -42.17 15.06
N ALA C 48 -21.37 -41.23 14.13
CA ALA C 48 -20.25 -40.30 14.16
C ALA C 48 -20.11 -39.65 15.53
N THR C 49 -18.93 -39.79 16.14
CA THR C 49 -18.61 -39.24 17.45
C THR C 49 -18.16 -37.77 17.31
N ALA C 50 -17.84 -37.10 18.45
CA ALA C 50 -17.33 -35.72 18.47
C ALA C 50 -15.90 -35.71 17.89
N ALA C 51 -15.22 -36.88 17.97
CA ALA C 51 -13.88 -37.15 17.44
C ALA C 51 -13.89 -37.13 15.91
N ASP C 52 -14.81 -37.92 15.28
CA ASP C 52 -15.02 -38.01 13.82
C ASP C 52 -15.30 -36.60 13.25
N VAL C 53 -16.16 -35.81 13.96
CA VAL C 53 -16.52 -34.44 13.60
C VAL C 53 -15.31 -33.50 13.74
N GLU C 54 -14.69 -33.39 14.95
CA GLU C 54 -13.54 -32.49 15.19
C GLU C 54 -12.30 -32.83 14.34
N ALA C 55 -12.06 -34.14 14.08
CA ALA C 55 -10.93 -34.60 13.29
C ALA C 55 -11.30 -35.05 11.87
N ASP C 56 -11.88 -34.09 11.12
CA ASP C 56 -12.29 -34.14 9.71
C ASP C 56 -11.82 -32.82 9.09
N ASP C 57 -11.28 -32.89 7.85
CA ASP C 57 -10.73 -31.77 7.09
C ASP C 57 -11.55 -30.48 7.21
N PHE C 58 -12.89 -30.61 7.11
CA PHE C 58 -13.85 -29.52 7.13
C PHE C 58 -14.78 -29.54 8.35
N LYS C 59 -14.44 -30.42 9.31
CA LYS C 59 -15.13 -30.62 10.59
C LYS C 59 -16.67 -30.77 10.43
N GLY C 60 -17.03 -31.73 9.56
CA GLY C 60 -18.42 -32.10 9.25
C GLY C 60 -19.28 -31.08 8.53
N LEU C 61 -18.67 -29.99 8.00
CA LEU C 61 -19.40 -28.92 7.27
C LEU C 61 -19.86 -29.32 5.87
N GLY C 62 -19.05 -30.14 5.19
CA GLY C 62 -19.31 -30.57 3.82
C GLY C 62 -18.69 -29.63 2.82
N LEU C 63 -18.39 -30.15 1.61
CA LEU C 63 -17.75 -29.35 0.56
C LEU C 63 -18.54 -28.10 0.15
N LYS C 64 -19.89 -28.18 0.06
CA LYS C 64 -20.73 -27.04 -0.32
C LYS C 64 -20.58 -25.85 0.65
N LYS C 65 -20.77 -26.08 1.97
CA LYS C 65 -20.65 -25.06 3.02
C LYS C 65 -19.25 -24.42 3.03
N VAL C 66 -18.20 -25.27 3.00
CA VAL C 66 -16.80 -24.84 2.99
C VAL C 66 -16.50 -23.95 1.79
N VAL C 67 -16.95 -24.34 0.59
CA VAL C 67 -16.77 -23.57 -0.64
C VAL C 67 -17.57 -22.26 -0.59
N THR C 68 -18.80 -22.27 0.00
CA THR C 68 -19.61 -21.06 0.16
C THR C 68 -18.90 -20.05 1.10
N ASN C 69 -18.33 -20.57 2.20
CA ASN C 69 -17.58 -19.78 3.19
C ASN C 69 -16.27 -19.26 2.61
N LEU C 70 -15.53 -20.12 1.90
CA LEU C 70 -14.27 -19.72 1.26
C LEU C 70 -14.51 -18.60 0.25
N THR C 71 -15.65 -18.66 -0.48
CA THR C 71 -16.04 -17.61 -1.44
C THR C 71 -16.26 -16.27 -0.69
N LYS C 72 -16.88 -16.32 0.51
CA LYS C 72 -17.11 -15.17 1.37
C LYS C 72 -15.77 -14.62 1.82
N THR C 73 -14.83 -15.50 2.26
CA THR C 73 -13.50 -15.10 2.71
C THR C 73 -12.74 -14.37 1.60
N VAL C 74 -12.62 -14.98 0.40
CA VAL C 74 -11.96 -14.41 -0.78
C VAL C 74 -12.50 -12.98 -1.08
N ASN C 75 -13.84 -12.84 -1.12
CA ASN C 75 -14.51 -11.57 -1.39
C ASN C 75 -14.29 -10.52 -0.30
N GLU C 76 -14.36 -10.92 1.00
CA GLU C 76 -14.15 -9.98 2.10
C GLU C 76 -12.69 -9.53 2.16
N ASN C 77 -11.75 -10.47 1.96
CA ASN C 77 -10.31 -10.23 1.94
C ASN C 77 -9.91 -9.23 0.82
N LYS C 78 -10.66 -9.21 -0.29
CA LYS C 78 -10.40 -8.27 -1.39
C LYS C 78 -10.94 -6.89 -1.00
N GLN C 79 -12.17 -6.81 -0.44
CA GLN C 79 -12.77 -5.56 0.01
C GLN C 79 -11.89 -4.91 1.09
N ASN C 80 -11.39 -5.73 2.03
CA ASN C 80 -10.54 -5.30 3.13
C ASN C 80 -9.20 -4.74 2.63
N VAL C 81 -8.52 -5.46 1.71
CA VAL C 81 -7.23 -4.99 1.21
C VAL C 81 -7.39 -3.78 0.24
N ASP C 82 -8.46 -3.74 -0.57
CA ASP C 82 -8.69 -2.62 -1.50
C ASP C 82 -8.86 -1.29 -0.74
N ALA C 83 -9.53 -1.34 0.44
CA ALA C 83 -9.76 -0.19 1.30
C ALA C 83 -8.45 0.26 1.96
N LYS C 84 -7.59 -0.71 2.34
CA LYS C 84 -6.29 -0.42 2.97
C LYS C 84 -5.35 0.26 1.95
N VAL C 85 -5.35 -0.23 0.70
CA VAL C 85 -4.53 0.29 -0.40
C VAL C 85 -5.06 1.68 -0.82
N LYS C 86 -6.39 1.87 -0.83
CA LYS C 86 -7.00 3.17 -1.16
C LYS C 86 -6.64 4.22 -0.07
N ALA C 87 -6.48 3.74 1.20
CA ALA C 87 -6.10 4.55 2.35
C ALA C 87 -4.64 4.96 2.25
N ALA C 88 -3.76 4.02 1.86
CA ALA C 88 -2.33 4.24 1.67
C ALA C 88 -2.10 5.24 0.55
N GLU C 89 -2.82 5.09 -0.58
CA GLU C 89 -2.74 5.98 -1.74
C GLU C 89 -3.23 7.38 -1.41
N SER C 90 -4.20 7.50 -0.46
CA SER C 90 -4.76 8.77 0.00
C SER C 90 -3.69 9.52 0.79
N GLU C 91 -2.90 8.80 1.62
CA GLU C 91 -1.80 9.35 2.40
C GLU C 91 -0.72 9.82 1.43
N ILE C 92 -0.35 8.97 0.47
CA ILE C 92 0.63 9.30 -0.57
C ILE C 92 0.23 10.57 -1.33
N GLU C 93 -1.06 10.72 -1.64
CA GLU C 93 -1.55 11.90 -2.34
C GLU C 93 -1.41 13.18 -1.49
N LYS C 94 -1.65 13.08 -0.16
CA LYS C 94 -1.54 14.21 0.75
C LYS C 94 -0.06 14.62 0.94
N LEU C 95 0.84 13.62 1.06
CA LEU C 95 2.29 13.84 1.20
C LEU C 95 2.83 14.54 -0.04
N THR C 96 2.38 14.14 -1.24
CA THR C 96 2.79 14.74 -2.53
C THR C 96 2.44 16.24 -2.58
N THR C 97 1.22 16.59 -2.17
CA THR C 97 0.75 17.99 -2.16
C THR C 97 1.58 18.81 -1.17
N LYS C 98 1.81 18.27 0.04
CA LYS C 98 2.58 18.94 1.08
C LYS C 98 4.04 19.09 0.66
N LEU C 99 4.63 18.07 0.01
CA LEU C 99 6.02 18.14 -0.46
C LEU C 99 6.18 19.18 -1.59
N ALA C 100 5.13 19.35 -2.41
CA ALA C 100 5.16 20.33 -3.49
C ALA C 100 5.01 21.77 -2.92
N ASP C 101 4.28 21.91 -1.80
CA ASP C 101 4.05 23.15 -1.08
C ASP C 101 5.35 23.58 -0.35
N THR C 102 6.13 22.61 0.16
CA THR C 102 7.41 22.82 0.87
C THR C 102 8.44 23.30 -0.14
N ASP C 103 8.49 22.65 -1.31
CA ASP C 103 9.43 22.98 -2.37
C ASP C 103 9.16 24.36 -2.95
N ALA C 104 7.88 24.75 -3.04
CA ALA C 104 7.47 26.07 -3.53
C ALA C 104 7.89 27.14 -2.53
N ALA C 105 7.75 26.85 -1.21
CA ALA C 105 8.12 27.72 -0.10
C ALA C 105 9.62 27.83 0.01
N LEU C 106 10.34 26.73 -0.29
CA LEU C 106 11.80 26.74 -0.25
C LEU C 106 12.33 27.60 -1.39
N ALA C 107 11.70 27.53 -2.56
CA ALA C 107 12.08 28.31 -3.74
C ALA C 107 11.92 29.81 -3.49
N ASP C 108 10.90 30.20 -2.69
CA ASP C 108 10.63 31.58 -2.34
C ASP C 108 11.62 32.11 -1.30
N THR C 109 12.03 31.25 -0.35
CA THR C 109 13.04 31.55 0.66
C THR C 109 14.34 31.87 -0.09
N ASP C 110 14.70 30.98 -1.05
CA ASP C 110 15.90 31.14 -1.85
C ASP C 110 15.88 32.47 -2.61
N ALA C 111 14.72 32.83 -3.21
CA ALA C 111 14.53 34.10 -3.93
C ALA C 111 14.71 35.26 -2.96
N ALA C 112 14.11 35.16 -1.75
CA ALA C 112 14.24 36.20 -0.69
C ALA C 112 15.66 36.35 -0.16
N LEU C 113 16.39 35.24 -0.07
CA LEU C 113 17.76 35.22 0.40
C LEU C 113 18.66 35.89 -0.61
N ASP C 114 18.45 35.59 -1.90
CA ASP C 114 19.22 36.20 -3.00
C ASP C 114 19.12 37.74 -2.99
N ALA C 115 17.91 38.29 -2.80
CA ALA C 115 17.69 39.72 -2.74
C ALA C 115 18.34 40.34 -1.52
N THR C 116 18.38 39.62 -0.37
CA THR C 116 19.01 40.13 0.86
C THR C 116 20.50 40.19 0.62
N THR C 117 21.07 39.12 0.06
CA THR C 117 22.49 39.07 -0.32
C THR C 117 22.85 40.15 -1.30
N ASN C 118 21.98 40.44 -2.33
CA ASN C 118 22.30 41.51 -3.29
C ASN C 118 22.26 42.87 -2.64
N ALA C 119 21.24 43.11 -1.73
CA ALA C 119 21.09 44.37 -0.98
C ALA C 119 22.28 44.59 -0.09
N LEU C 120 22.76 43.51 0.55
CA LEU C 120 23.94 43.57 1.43
C LEU C 120 25.19 43.96 0.65
N ASN C 121 25.41 43.33 -0.52
CA ASN C 121 26.60 43.60 -1.35
C ASN C 121 26.58 45.02 -1.87
N LYS C 122 25.38 45.51 -2.30
CA LYS C 122 25.24 46.86 -2.80
C LYS C 122 25.55 47.84 -1.69
N LEU C 123 25.02 47.62 -0.47
CA LEU C 123 25.33 48.44 0.68
C LEU C 123 26.84 48.44 0.97
N GLY C 124 27.46 47.26 0.95
CA GLY C 124 28.91 47.15 1.14
C GLY C 124 29.68 48.02 0.15
N GLU C 125 29.30 47.98 -1.16
CA GLU C 125 29.96 48.83 -2.19
C GLU C 125 29.75 50.34 -1.96
N ASN C 126 28.50 50.73 -1.61
CA ASN C 126 28.13 52.13 -1.29
C ASN C 126 28.92 52.69 -0.11
N ILE C 127 29.04 51.94 1.01
CA ILE C 127 29.83 52.36 2.18
C ILE C 127 31.30 52.51 1.85
N THR C 128 31.86 51.60 1.06
CA THR C 128 33.28 51.71 0.69
C THR C 128 33.56 53.02 -0.06
N THR C 129 32.67 53.41 -0.99
CA THR C 129 32.79 54.66 -1.72
C THR C 129 32.76 55.83 -0.77
N PHE C 130 31.67 55.88 0.02
CA PHE C 130 31.48 56.89 1.02
C PHE C 130 32.70 57.01 1.91
N ALA C 131 33.19 55.89 2.49
CA ALA C 131 34.40 55.85 3.33
C ALA C 131 35.58 56.47 2.57
N GLU C 132 35.85 56.04 1.31
CA GLU C 132 36.92 56.59 0.47
C GLU C 132 36.81 58.12 0.30
N GLU C 133 35.63 58.61 -0.15
CA GLU C 133 35.41 60.05 -0.34
C GLU C 133 35.62 60.80 0.97
N THR C 134 35.13 60.26 2.11
CA THR C 134 35.34 60.87 3.42
C THR C 134 36.84 60.95 3.79
N LYS C 135 37.60 59.89 3.52
CA LYS C 135 39.02 59.89 3.83
C LYS C 135 39.70 60.99 3.04
N THR C 136 39.36 61.12 1.75
CA THR C 136 39.91 62.11 0.85
C THR C 136 39.64 63.52 1.33
N ASN C 137 38.39 63.80 1.74
CA ASN C 137 38.05 65.13 2.20
C ASN C 137 38.75 65.50 3.48
N ILE C 138 38.79 64.60 4.48
CA ILE C 138 39.47 64.84 5.77
C ILE C 138 40.95 65.06 5.56
N VAL C 139 41.55 64.32 4.61
CA VAL C 139 42.96 64.42 4.25
C VAL C 139 43.24 65.81 3.65
N LYS C 140 42.38 66.28 2.72
CA LYS C 140 42.47 67.60 2.10
C LYS C 140 42.39 68.70 3.19
N ILE C 141 41.34 68.66 4.07
CA ILE C 141 41.18 69.62 5.18
C ILE C 141 42.47 69.63 6.02
N ASP C 142 42.95 68.44 6.47
CA ASP C 142 44.16 68.33 7.26
C ASP C 142 45.34 69.03 6.56
N GLU C 143 45.47 68.87 5.22
CA GLU C 143 46.52 69.51 4.42
C GLU C 143 46.41 71.05 4.46
N LYS C 144 45.18 71.60 4.21
CA LYS C 144 44.90 73.05 4.28
C LYS C 144 45.26 73.59 5.70
N LEU C 145 45.05 72.76 6.75
CA LEU C 145 45.40 73.13 8.12
C LEU C 145 46.91 73.05 8.38
N GLU C 146 47.58 71.96 7.92
CA GLU C 146 49.03 71.71 8.08
C GLU C 146 49.87 72.76 7.33
N ALA C 147 49.32 73.28 6.22
CA ALA C 147 49.95 74.32 5.41
C ALA C 147 49.74 75.68 6.06
N ALA C 148 48.50 76.01 6.48
CA ALA C 148 48.16 77.28 7.15
C ALA C 148 48.89 77.47 8.49
N SER C 149 49.39 76.37 9.10
CA SER C 149 50.16 76.41 10.36
C SER C 149 51.58 76.90 10.08
N LYS C 150 52.22 76.37 9.01
CA LYS C 150 53.55 76.72 8.52
C LYS C 150 53.55 78.16 7.95
N HIS C 151 54.03 79.14 8.75
CA HIS C 151 54.08 80.55 8.37
C HIS C 151 55.34 81.22 8.91
CL CL D . -22.36 -41.09 -5.05
C1 EDO E . 18.90 28.08 10.76
O1 EDO E . 18.10 28.29 11.91
C2 EDO E . 19.88 29.28 10.57
O2 EDO E . 20.48 29.23 9.27
C1 EDO F . 21.62 29.96 -3.18
O1 EDO F . 21.65 31.28 -2.66
C2 EDO F . 20.97 28.99 -2.17
O2 EDO F . 21.07 27.68 -2.70
C1 EDO G . -22.74 -29.76 -17.07
O1 EDO G . -21.66 -30.68 -17.09
C2 EDO G . -24.05 -30.50 -16.73
O2 EDO G . -25.16 -29.62 -16.84
C1 EDO H . 16.19 18.40 7.87
O1 EDO H . 15.21 18.25 8.89
C2 EDO H . 17.03 19.67 8.14
O2 EDO H . 17.74 20.04 6.97
C1 EDO I . 21.33 32.80 11.44
O1 EDO I . 21.73 32.07 10.29
C2 EDO I . 22.58 33.25 12.23
O2 EDO I . 22.23 34.14 13.29
C1 EDO J . 33.46 48.62 15.62
O1 EDO J . 33.67 47.19 15.58
C2 EDO J . 34.13 49.39 16.83
O2 EDO J . 35.35 50.06 16.57
C1 MPD K . 40.00 57.83 9.68
C2 MPD K . 39.37 58.30 8.36
O2 MPD K . 39.12 57.10 7.61
CM MPD K . 38.04 58.96 8.62
C3 MPD K . 40.24 59.37 7.57
C4 MPD K . 41.69 59.70 8.05
O4 MPD K . 42.62 58.71 7.64
C5 MPD K . 42.15 61.06 7.57
C1 MPD L . 35.74 49.16 6.10
C2 MPD L . 34.61 49.71 5.25
O2 MPD L . 33.78 50.49 6.13
CM MPD L . 35.13 50.72 4.26
C3 MPD L . 33.68 48.57 4.63
C4 MPD L . 34.28 47.36 3.77
O4 MPD L . 34.83 46.32 4.59
C5 MPD L . 33.23 46.76 2.86
C1 EDO M . 5.27 24.92 5.33
O1 EDO M . 4.85 24.91 3.96
C2 EDO M . 6.07 26.21 5.60
O2 EDO M . 6.44 26.23 6.97
C1 EDO N . 9.91 33.94 2.86
O1 EDO N . 9.02 34.07 1.76
C2 EDO N . 10.28 35.34 3.42
O2 EDO N . 10.80 35.19 4.74
C1 EDO O . 24.02 61.46 1.09
O1 EDO O . 23.88 60.09 1.46
C2 EDO O . 25.52 61.85 0.95
O2 EDO O . 26.14 61.95 2.23
C1 EDO P . 29.81 62.62 13.19
O1 EDO P . 29.80 62.91 11.80
C2 EDO P . 29.78 63.93 14.06
O2 EDO P . 31.04 64.62 14.05
C1 EDO Q . 22.51 57.27 13.54
O1 EDO Q . 22.58 56.81 14.88
C2 EDO Q . 23.93 57.56 13.02
O2 EDO Q . 24.73 56.39 13.15
C1 MPD R . 17.81 51.70 4.33
C2 MPD R . 17.36 50.78 3.22
O2 MPD R . 16.83 49.57 3.82
CM MPD R . 16.19 51.40 2.43
C3 MPD R . 18.64 50.59 2.29
C4 MPD R . 19.15 49.19 1.75
O4 MPD R . 19.84 48.39 2.72
C5 MPD R . 18.08 48.36 1.08
O1 P6G S . 26.85 54.15 12.75
C2 P6G S . 26.51 52.83 12.47
C3 P6G S . 25.41 52.47 13.46
O4 P6G S . 25.58 51.15 13.93
C5 P6G S . 25.08 50.14 13.09
C6 P6G S . 23.89 49.42 13.73
O7 P6G S . 23.02 48.95 12.74
C8 P6G S . 21.83 48.45 13.31
C9 P6G S . 21.30 47.26 12.50
O10 P6G S . 21.67 46.04 13.09
C11 P6G S . 22.53 45.29 12.27
C12 P6G S . 23.50 44.48 13.11
O13 P6G S . 24.78 44.80 12.68
C14 P6G S . 25.69 43.74 12.76
C15 P6G S . 26.41 43.65 14.13
O16 P6G S . 27.34 44.70 14.27
C17 P6G S . 26.88 45.78 15.02
C18 P6G S . 26.78 47.02 14.14
O19 P6G S . 26.71 48.17 14.95
O1 P6G T . 13.95 30.53 15.95
C2 P6G T . 14.53 30.40 14.67
C3 P6G T . 15.76 31.30 14.54
O4 P6G T . 15.53 32.49 15.27
C5 P6G T . 15.45 33.66 14.50
C6 P6G T . 15.07 34.83 15.41
O7 P6G T . 13.72 35.15 15.20
C8 P6G T . 13.46 36.50 14.89
C9 P6G T . 12.63 36.56 13.60
O10 P6G T . 11.88 37.74 13.55
C11 P6G T . 12.27 38.69 12.59
C12 P6G T . 12.14 40.08 13.19
O13 P6G T . 13.26 40.37 14.00
C14 P6G T . 14.00 41.51 13.65
C15 P6G T . 15.44 41.27 14.13
O16 P6G T . 16.38 41.75 13.22
C17 P6G T . 17.29 42.68 13.75
C18 P6G T . 16.81 44.14 13.55
O19 P6G T . 17.88 45.01 13.77
P PO4 U . 15.22 44.22 0.84
O1 PO4 U . 14.43 45.41 1.57
O2 PO4 U . 16.62 44.12 1.51
O3 PO4 U . 15.35 44.51 -0.73
O4 PO4 U . 14.42 42.84 1.01
P PO4 V . 21.35 38.92 13.55
O1 PO4 V . 20.73 39.84 14.69
O2 PO4 V . 22.88 38.67 13.82
O3 PO4 V . 21.18 39.66 12.15
O4 PO4 V . 20.59 37.51 13.52
C1 EDO W . 14.09 21.75 -5.18
O1 EDO W . 13.87 20.43 -4.70
C2 EDO W . 13.33 22.80 -4.31
O2 EDO W . 13.57 24.13 -4.79
C1 EDO X . -12.88 -24.93 7.04
O1 EDO X . -12.62 -25.88 8.07
C2 EDO X . -11.55 -24.45 6.38
O2 EDO X . -10.81 -25.54 5.84
C1 EDO Y . 21.93 48.83 -0.71
O1 EDO Y . 20.83 47.97 -0.69
C2 EDO Y . 21.48 50.28 -1.03
O2 EDO Y . 22.28 51.15 -0.27
C1 EDO Z . 39.20 53.03 3.11
O1 EDO Z . 38.09 52.18 2.86
C2 EDO Z . 38.81 54.06 4.22
O2 EDO Z . 39.97 54.69 4.73
C1 EDO AA . 31.47 63.35 0.50
O1 EDO AA . 30.85 62.07 0.36
C2 EDO AA . 31.39 63.84 1.96
O2 EDO AA . 32.05 62.92 2.80
C1 EDO BA . 0.24 12.67 5.71
O1 EDO BA . -0.48 11.49 5.29
C2 EDO BA . -0.53 14.00 5.39
O2 EDO BA . 0.32 15.16 5.54
C1 EDO CA . 10.19 35.84 -2.80
O1 EDO CA . 9.37 35.20 -3.77
C2 EDO CA . 9.42 37.04 -2.17
O2 EDO CA . 8.58 36.58 -1.11
C1 MPD DA . 26.30 54.65 1.92
C2 MPD DA . 25.16 55.53 1.45
O2 MPD DA . 24.26 55.68 2.56
CM MPD DA . 25.65 56.92 1.09
C3 MPD DA . 24.39 54.91 0.24
C4 MPD DA . 23.28 53.80 0.49
O4 MPD DA . 23.20 53.29 1.84
C5 MPD DA . 21.90 54.21 0.02
C1 MPD EA . 28.94 42.91 2.14
C2 MPD EA . 30.38 42.58 1.84
O2 MPD EA . 31.16 43.40 2.73
CM MPD EA . 30.70 41.12 2.17
C3 MPD EA . 30.76 42.82 0.33
C4 MPD EA . 31.13 44.27 -0.13
O4 MPD EA . 32.42 44.70 0.32
C5 MPD EA . 31.08 44.32 -1.65
P PO4 FA . 28.41 37.02 0.43
O1 PO4 FA . 27.60 38.19 1.17
O2 PO4 FA . 29.49 36.47 1.39
O3 PO4 FA . 29.07 37.63 -0.89
O4 PO4 FA . 27.42 35.82 0.05
#